data_8Z47
#
_entry.id   8Z47
#
_cell.length_a   163.831
_cell.length_b   163.831
_cell.length_c   50.857
_cell.angle_alpha   90.000
_cell.angle_beta   90.000
_cell.angle_gamma   90.000
#
_symmetry.space_group_name_H-M   'I 4'
#
loop_
_entity.id
_entity.type
_entity.pdbx_description
1 polymer Beta-galactosidase
2 non-polymer alpha-D-galactopyranose
3 water water
#
_entity_poly.entity_id   1
_entity_poly.type   'polypeptide(L)'
_entity_poly.pdbx_seq_one_letter_code
;MRPPMYTSTNTEVPSRLVKNEHGSWQLIVNGKPFIMLAGELHNSSASTTEYLNSLWTSLKTLNLNTVLAPIAWEQFEPQE
GIFDYTLINNMIDGARKNGFKLSILWFGSWKNGESSYAPTWVKEDTKRFFRVKSVEGKEIETISPFCENAMKADAKAFKT
LVEHIKKVDQATGTVIALQPENEVGIFQGMDYSKASLAAYEQEVPQALIQYMKKNRKNLRKELLSVWEENGARTSGAWKT
VFGDNAWSKSFYTTWQYATYIDFISAGAKEIYPLPTFCNCWLVQKPDDMPGVYPNGGPVSRVMDIWKAAAPHIDVLAPDI
YLSDFKNIVADYHRADNPLLIPEAVMKPANAFWAFGEHSALCYSPFGIEDGADNFVFAQSYKVLNELIPLISEHQGSDRM
IGVMKMPGESERTVTMGDYQLCIKYDAEDAYGLIIQTGKNEFVVAGINFKVYFTSTDKKKTGYIKQVWEGGYDTDGEWKA
TRLLNGDETYHNAVLIAKGRRTFTSEKSNNYNADHSDEIFVYSPTSYQAVWSPGIYRVTTYLRLEHHHHHH
;
_entity_poly.pdbx_strand_id   A
#
loop_
_chem_comp.id
_chem_comp.type
_chem_comp.name
_chem_comp.formula
GLA D-saccharide, alpha linking alpha-D-galactopyranose 'C6 H12 O6'
#
# COMPACT_ATOMS: atom_id res chain seq x y z
N VAL A 13 20.33 0.39 -8.65
CA VAL A 13 19.27 1.24 -8.04
C VAL A 13 19.30 0.98 -6.53
N PRO A 14 19.08 2.00 -5.68
CA PRO A 14 19.17 1.80 -4.24
C PRO A 14 17.87 1.31 -3.57
N SER A 15 16.85 1.02 -4.40
CA SER A 15 15.58 0.47 -3.94
C SER A 15 15.00 -0.48 -4.98
N ARG A 16 14.59 -1.67 -4.52
CA ARG A 16 14.16 -2.75 -5.39
C ARG A 16 13.22 -3.72 -4.66
N LEU A 17 12.32 -4.35 -5.40
CA LEU A 17 11.45 -5.41 -4.89
C LEU A 17 12.09 -6.75 -5.19
N VAL A 18 12.21 -7.64 -4.18
CA VAL A 18 12.84 -8.94 -4.31
C VAL A 18 12.01 -9.98 -3.56
N LYS A 19 11.71 -11.11 -4.21
CA LYS A 19 10.92 -12.18 -3.58
C LYS A 19 11.84 -13.06 -2.73
N ASN A 20 11.45 -13.32 -1.48
CA ASN A 20 12.23 -14.16 -0.58
C ASN A 20 11.82 -15.62 -0.75
N GLU A 21 12.40 -16.48 0.08
CA GLU A 21 12.22 -17.93 0.02
C GLU A 21 10.77 -18.34 0.31
N HIS A 22 9.97 -17.48 0.97
CA HIS A 22 8.60 -17.86 1.26
C HIS A 22 7.64 -17.36 0.18
N GLY A 23 8.19 -16.78 -0.89
CA GLY A 23 7.39 -16.21 -1.97
C GLY A 23 6.94 -14.77 -1.68
N SER A 24 7.43 -14.17 -0.59
CA SER A 24 6.97 -12.85 -0.21
C SER A 24 7.88 -11.81 -0.85
N TRP A 25 7.28 -10.75 -1.40
CA TRP A 25 8.01 -9.61 -1.94
C TRP A 25 8.51 -8.70 -0.83
N GLN A 26 9.80 -8.36 -0.87
CA GLN A 26 10.43 -7.48 0.10
C GLN A 26 10.98 -6.25 -0.61
N LEU A 27 10.93 -5.11 0.09
CA LEU A 27 11.62 -3.92 -0.33
C LEU A 27 13.05 -4.02 0.16
N ILE A 28 14.03 -3.94 -0.75
CA ILE A 28 15.43 -3.90 -0.38
C ILE A 28 15.97 -2.50 -0.72
N VAL A 29 16.36 -1.78 0.33
CA VAL A 29 16.78 -0.39 0.31
C VAL A 29 18.19 -0.29 0.87
N ASN A 30 19.08 0.31 0.07
CA ASN A 30 20.50 0.42 0.40
C ASN A 30 21.01 -0.94 0.89
N GLY A 31 20.62 -2.03 0.19
CA GLY A 31 21.15 -3.37 0.46
C GLY A 31 20.44 -4.15 1.57
N LYS A 32 19.47 -3.54 2.30
CA LYS A 32 18.83 -4.22 3.40
C LYS A 32 17.31 -4.25 3.27
N PRO A 33 16.64 -5.29 3.83
CA PRO A 33 15.17 -5.32 3.91
C PRO A 33 14.65 -4.07 4.63
N PHE A 34 13.63 -3.43 4.06
CA PHE A 34 13.10 -2.16 4.56
C PHE A 34 11.58 -2.20 4.52
N ILE A 35 10.95 -1.80 5.63
CA ILE A 35 9.50 -1.69 5.68
C ILE A 35 9.15 -0.22 5.90
N MET A 36 8.22 0.35 5.09
CA MET A 36 7.87 1.75 5.19
C MET A 36 6.91 1.95 6.36
N LEU A 37 7.46 2.49 7.45
CA LEU A 37 6.73 3.02 8.56
C LEU A 37 6.44 4.48 8.24
N ALA A 38 5.32 4.69 7.58
CA ALA A 38 5.19 5.84 6.70
C ALA A 38 4.04 6.74 7.15
N GLY A 39 3.93 7.85 6.45
CA GLY A 39 2.88 8.85 6.65
C GLY A 39 2.77 9.64 5.35
N GLU A 40 1.58 10.04 4.96
CA GLU A 40 1.44 10.85 3.78
C GLU A 40 0.98 12.25 4.19
N LEU A 41 1.63 13.25 3.61
CA LEU A 41 1.26 14.64 3.91
C LEU A 41 -0.11 14.97 3.30
N HIS A 42 -0.80 15.97 3.87
CA HIS A 42 -1.92 16.60 3.18
C HIS A 42 -1.50 17.06 1.79
N ASN A 43 -2.48 17.11 0.91
CA ASN A 43 -2.21 17.28 -0.51
C ASN A 43 -1.35 18.52 -0.80
N SER A 44 -1.65 19.65 -0.15
CA SER A 44 -1.03 20.92 -0.50
C SER A 44 0.22 21.23 0.35
N SER A 45 0.71 20.27 1.16
CA SER A 45 1.73 20.51 2.16
C SER A 45 3.14 20.53 1.59
N ALA A 46 3.33 20.09 0.34
CA ALA A 46 4.62 20.15 -0.31
C ALA A 46 4.60 21.16 -1.45
N SER A 47 3.67 22.12 -1.40
CA SER A 47 3.49 23.09 -2.47
C SER A 47 4.48 24.26 -2.38
N THR A 48 5.07 24.57 -1.20
CA THR A 48 6.18 25.50 -1.09
C THR A 48 7.26 24.84 -0.24
N THR A 49 8.51 25.32 -0.36
CA THR A 49 9.61 24.85 0.48
C THR A 49 9.34 25.23 1.92
N GLU A 50 8.78 26.42 2.14
CA GLU A 50 8.66 26.91 3.52
C GLU A 50 7.60 26.10 4.28
N TYR A 51 6.51 25.71 3.60
CA TYR A 51 5.45 25.01 4.32
C TYR A 51 5.91 23.61 4.66
N LEU A 52 6.45 22.89 3.68
CA LEU A 52 7.04 21.59 3.95
C LEU A 52 8.05 21.70 5.10
N ASN A 53 8.96 22.68 5.05
CA ASN A 53 10.09 22.63 5.99
C ASN A 53 9.61 22.87 7.41
N SER A 54 8.42 23.45 7.54
CA SER A 54 7.83 23.67 8.84
C SER A 54 7.40 22.35 9.47
N LEU A 55 7.33 21.24 8.72
CA LEU A 55 6.71 20.00 9.19
C LEU A 55 7.73 18.98 9.73
N TRP A 56 9.03 19.06 9.35
CA TRP A 56 9.93 17.93 9.53
C TRP A 56 10.04 17.52 11.00
N THR A 57 10.15 18.49 11.91
CA THR A 57 10.34 18.18 13.33
C THR A 57 9.10 17.45 13.86
N SER A 58 7.89 17.89 13.48
CA SER A 58 6.63 17.22 13.78
C SER A 58 6.67 15.74 13.41
N LEU A 59 7.12 15.48 12.17
CA LEU A 59 7.14 14.16 11.60
C LEU A 59 8.12 13.26 12.35
N LYS A 60 9.22 13.83 12.81
CA LYS A 60 10.22 13.03 13.50
C LYS A 60 9.65 12.55 14.83
N THR A 61 8.77 13.34 15.43
CA THR A 61 8.18 12.97 16.72
C THR A 61 7.35 11.68 16.57
N LEU A 62 6.92 11.35 15.33
CA LEU A 62 6.09 10.17 15.12
C LEU A 62 6.91 8.95 14.74
N ASN A 63 8.26 9.03 14.65
CA ASN A 63 9.11 7.89 14.36
C ASN A 63 8.83 7.25 13.00
N LEU A 64 8.44 8.07 12.02
CA LEU A 64 8.36 7.68 10.62
C LEU A 64 9.75 7.28 10.13
N ASN A 65 9.86 6.32 9.23
CA ASN A 65 11.10 6.16 8.49
C ASN A 65 10.93 6.66 7.06
N THR A 66 9.68 6.95 6.61
CA THR A 66 9.38 7.25 5.20
C THR A 66 8.27 8.28 5.16
N VAL A 67 8.39 9.30 4.29
CA VAL A 67 7.33 10.27 4.06
C VAL A 67 6.85 10.12 2.61
N LEU A 68 5.53 10.08 2.43
CA LEU A 68 4.92 10.11 1.11
C LEU A 68 4.53 11.56 0.84
N ALA A 69 4.96 12.11 -0.31
CA ALA A 69 4.69 13.51 -0.56
C ALA A 69 4.59 13.72 -2.05
N PRO A 70 3.67 14.60 -2.48
CA PRO A 70 3.50 14.86 -3.91
C PRO A 70 4.48 15.85 -4.57
N ILE A 71 4.68 15.63 -5.89
CA ILE A 71 5.19 16.56 -6.86
C ILE A 71 4.08 16.78 -7.88
N ALA A 72 3.67 18.04 -8.10
CA ALA A 72 2.53 18.39 -8.91
C ALA A 72 3.05 18.83 -10.28
N TRP A 73 2.43 18.31 -11.32
CA TRP A 73 2.85 18.61 -12.69
C TRP A 73 2.78 20.13 -12.90
N GLU A 74 1.68 20.72 -12.43
CA GLU A 74 1.47 22.13 -12.70
C GLU A 74 2.64 22.96 -12.17
N GLN A 75 3.30 22.51 -11.08
CA GLN A 75 4.40 23.26 -10.50
C GLN A 75 5.70 22.86 -11.13
N PHE A 76 5.83 21.57 -11.48
CA PHE A 76 7.07 21.02 -11.96
C PHE A 76 7.36 21.47 -13.40
N GLU A 77 6.34 21.50 -14.25
CA GLU A 77 6.48 21.96 -15.63
C GLU A 77 5.51 23.10 -15.89
N PRO A 78 5.80 24.32 -15.37
CA PRO A 78 4.83 25.40 -15.37
C PRO A 78 4.63 26.03 -16.74
N GLN A 79 5.62 25.91 -17.61
CA GLN A 79 5.44 26.13 -19.03
C GLN A 79 6.05 24.92 -19.75
N GLU A 80 5.49 24.60 -20.91
CA GLU A 80 5.92 23.40 -21.61
C GLU A 80 7.41 23.48 -21.90
N GLY A 81 8.14 22.44 -21.49
CA GLY A 81 9.57 22.32 -21.74
C GLY A 81 10.43 23.03 -20.71
N ILE A 82 9.82 23.72 -19.72
CA ILE A 82 10.49 24.44 -18.67
C ILE A 82 10.19 23.72 -17.36
N PHE A 83 11.23 23.39 -16.59
CA PHE A 83 11.10 22.48 -15.47
C PHE A 83 11.63 23.18 -14.24
N ASP A 84 10.90 23.02 -13.12
CA ASP A 84 11.29 23.68 -11.90
C ASP A 84 11.55 22.62 -10.83
N TYR A 85 12.82 22.55 -10.43
CA TYR A 85 13.34 21.48 -9.60
C TYR A 85 13.28 21.90 -8.15
N THR A 86 12.80 23.11 -7.86
CA THR A 86 12.91 23.64 -6.50
C THR A 86 12.34 22.70 -5.44
N LEU A 87 11.09 22.21 -5.66
CA LEU A 87 10.34 21.49 -4.63
C LEU A 87 10.91 20.07 -4.44
N ILE A 88 11.25 19.37 -5.53
CA ILE A 88 11.86 18.05 -5.41
C ILE A 88 13.22 18.14 -4.69
N ASN A 89 14.02 19.16 -5.05
CA ASN A 89 15.34 19.33 -4.45
C ASN A 89 15.19 19.57 -2.95
N ASN A 90 14.28 20.49 -2.56
CA ASN A 90 14.18 20.83 -1.15
C ASN A 90 13.62 19.64 -0.37
N MET A 91 12.72 18.89 -1.02
CA MET A 91 12.10 17.73 -0.43
C MET A 91 13.15 16.66 -0.11
N ILE A 92 13.98 16.30 -1.09
CA ILE A 92 15.05 15.36 -0.84
C ILE A 92 15.99 15.90 0.23
N ASP A 93 16.34 17.19 0.18
CA ASP A 93 17.26 17.78 1.15
C ASP A 93 16.73 17.61 2.58
N GLY A 94 15.48 18.00 2.80
CA GLY A 94 14.89 17.93 4.12
C GLY A 94 14.70 16.51 4.61
N ALA A 95 14.34 15.59 3.72
CA ALA A 95 14.25 14.17 4.07
C ALA A 95 15.59 13.65 4.60
N ARG A 96 16.67 13.97 3.87
CA ARG A 96 18.01 13.58 4.29
C ARG A 96 18.36 14.17 5.64
N LYS A 97 18.11 15.45 5.83
CA LYS A 97 18.51 16.15 7.02
C LYS A 97 17.73 15.62 8.22
N ASN A 98 16.53 15.03 8.01
CA ASN A 98 15.69 14.62 9.13
C ASN A 98 15.52 13.11 9.20
N GLY A 99 16.27 12.34 8.40
CA GLY A 99 16.33 10.89 8.54
C GLY A 99 15.17 10.11 7.93
N PHE A 100 14.59 10.61 6.83
CA PHE A 100 13.46 9.99 6.19
C PHE A 100 13.81 9.56 4.76
N LYS A 101 13.23 8.41 4.35
CA LYS A 101 13.10 8.10 2.94
C LYS A 101 11.84 8.72 2.39
N LEU A 102 11.74 8.79 1.06
CA LEU A 102 10.61 9.40 0.38
C LEU A 102 10.01 8.37 -0.60
N SER A 103 8.68 8.33 -0.64
CA SER A 103 7.97 7.84 -1.82
C SER A 103 7.33 9.05 -2.48
N ILE A 104 7.61 9.22 -3.77
CA ILE A 104 7.14 10.38 -4.51
C ILE A 104 5.81 10.03 -5.18
N LEU A 105 4.81 10.88 -4.92
CA LEU A 105 3.51 10.85 -5.54
C LEU A 105 3.55 11.86 -6.70
N TRP A 106 3.21 11.35 -7.89
CA TRP A 106 3.14 12.17 -9.08
C TRP A 106 1.70 12.57 -9.37
N PHE A 107 1.39 13.81 -9.03
CA PHE A 107 0.06 14.31 -9.28
C PHE A 107 0.13 14.98 -10.64
N GLY A 108 -0.10 14.16 -11.68
CA GLY A 108 -0.07 14.61 -13.06
C GLY A 108 -1.45 14.73 -13.69
N SER A 109 -1.69 13.89 -14.71
CA SER A 109 -2.95 13.83 -15.43
C SER A 109 -4.15 13.77 -14.48
N TRP A 110 -4.09 12.90 -13.44
CA TRP A 110 -5.26 12.64 -12.60
C TRP A 110 -4.88 12.53 -11.12
N LYS A 111 -5.72 13.13 -10.29
CA LYS A 111 -5.68 13.02 -8.85
C LYS A 111 -7.14 13.02 -8.40
N ASN A 112 -7.53 11.94 -7.71
CA ASN A 112 -8.90 11.67 -7.30
C ASN A 112 -9.79 11.80 -8.52
N GLY A 113 -9.38 11.15 -9.61
CA GLY A 113 -10.16 11.13 -10.83
C GLY A 113 -9.97 12.35 -11.74
N GLU A 114 -9.64 13.52 -11.17
CA GLU A 114 -9.76 14.76 -11.92
C GLU A 114 -8.36 15.22 -12.37
N SER A 115 -8.33 16.30 -13.19
CA SER A 115 -7.10 16.85 -13.74
C SER A 115 -6.76 18.23 -13.16
N SER A 116 -6.97 18.43 -11.86
CA SER A 116 -6.79 19.76 -11.26
C SER A 116 -5.30 20.12 -11.10
N TYR A 117 -4.41 19.11 -11.16
CA TYR A 117 -2.99 19.37 -11.04
C TYR A 117 -2.26 19.42 -12.39
N ALA A 118 -2.99 19.28 -13.48
CA ALA A 118 -2.37 19.45 -14.78
C ALA A 118 -1.93 20.91 -14.95
N PRO A 119 -0.84 21.18 -15.70
CA PRO A 119 -0.41 22.56 -15.97
C PRO A 119 -1.46 23.46 -16.61
N THR A 120 -1.34 24.77 -16.35
CA THR A 120 -2.25 25.74 -16.94
C THR A 120 -2.28 25.56 -18.45
N TRP A 121 -1.13 25.25 -19.05
CA TRP A 121 -1.01 25.13 -20.51
C TRP A 121 -1.64 23.84 -21.03
N VAL A 122 -1.85 22.83 -20.16
CA VAL A 122 -2.60 21.65 -20.56
C VAL A 122 -4.10 21.93 -20.39
N LYS A 123 -4.48 22.46 -19.23
CA LYS A 123 -5.88 22.73 -18.99
C LYS A 123 -6.46 23.60 -20.12
N GLU A 124 -5.70 24.58 -20.61
CA GLU A 124 -6.29 25.63 -21.42
C GLU A 124 -6.38 25.20 -22.89
N ASP A 125 -5.73 24.09 -23.24
CA ASP A 125 -5.79 23.55 -24.59
C ASP A 125 -6.65 22.27 -24.62
N THR A 126 -7.98 22.45 -24.62
CA THR A 126 -8.89 21.31 -24.64
C THR A 126 -8.99 20.68 -26.03
N LYS A 127 -8.40 21.29 -27.05
CA LYS A 127 -8.29 20.64 -28.35
C LYS A 127 -7.16 19.61 -28.34
N ARG A 128 -5.98 20.05 -27.89
CA ARG A 128 -4.81 19.17 -27.86
C ARG A 128 -5.01 18.12 -26.76
N PHE A 129 -5.46 18.56 -25.59
CA PHE A 129 -5.69 17.65 -24.47
C PHE A 129 -7.19 17.53 -24.19
N PHE A 130 -7.88 16.65 -24.94
CA PHE A 130 -9.35 16.63 -24.85
C PHE A 130 -9.81 16.00 -23.53
N ARG A 131 -10.96 16.47 -23.11
CA ARG A 131 -11.57 16.09 -21.84
C ARG A 131 -12.51 14.88 -22.00
N VAL A 132 -12.74 14.25 -20.87
CA VAL A 132 -13.88 13.37 -20.68
C VAL A 132 -15.15 14.16 -20.93
N LYS A 133 -16.10 13.50 -21.62
CA LYS A 133 -17.48 13.97 -21.71
C LYS A 133 -18.42 13.08 -20.92
N SER A 134 -19.39 13.74 -20.27
CA SER A 134 -20.50 13.11 -19.57
C SER A 134 -21.51 12.59 -20.59
N VAL A 135 -22.46 11.80 -20.10
CA VAL A 135 -23.53 11.25 -20.94
C VAL A 135 -24.40 12.38 -21.49
N GLU A 136 -24.51 13.47 -20.71
CA GLU A 136 -25.16 14.70 -21.15
C GLU A 136 -24.31 15.47 -22.17
N GLY A 137 -23.09 15.02 -22.45
CA GLY A 137 -22.27 15.67 -23.50
C GLY A 137 -21.39 16.79 -22.98
N LYS A 138 -21.33 16.98 -21.68
CA LYS A 138 -20.52 18.06 -21.07
C LYS A 138 -19.06 17.66 -20.88
N GLU A 139 -18.13 18.54 -21.25
CA GLU A 139 -16.71 18.28 -21.00
C GLU A 139 -16.44 18.61 -19.52
N ILE A 140 -15.77 17.71 -18.81
CA ILE A 140 -15.54 17.91 -17.39
C ILE A 140 -14.07 18.29 -17.17
N GLU A 141 -13.68 18.52 -15.90
CA GLU A 141 -12.34 18.93 -15.50
C GLU A 141 -11.48 17.68 -15.28
N THR A 142 -11.53 16.79 -16.29
CA THR A 142 -10.78 15.56 -16.37
C THR A 142 -10.33 15.33 -17.81
N ILE A 143 -9.00 15.20 -18.00
CA ILE A 143 -8.36 14.78 -19.25
C ILE A 143 -8.74 13.34 -19.57
N SER A 144 -9.16 13.09 -20.82
CA SER A 144 -9.65 11.78 -21.19
C SER A 144 -8.49 10.79 -21.27
N PRO A 145 -8.60 9.54 -20.76
CA PRO A 145 -7.52 8.57 -20.89
C PRO A 145 -7.35 8.06 -22.31
N PHE A 146 -8.22 8.48 -23.22
CA PHE A 146 -8.07 8.14 -24.63
C PHE A 146 -7.24 9.23 -25.34
N CYS A 147 -6.77 10.28 -24.64
CA CYS A 147 -5.98 11.34 -25.27
C CYS A 147 -4.49 11.04 -25.32
N GLU A 148 -3.98 10.63 -26.49
CA GLU A 148 -2.59 10.24 -26.63
C GLU A 148 -1.64 11.41 -26.38
N ASN A 149 -2.05 12.64 -26.78
CA ASN A 149 -1.21 13.81 -26.55
C ASN A 149 -0.94 13.96 -25.05
N ALA A 150 -1.98 13.78 -24.21
CA ALA A 150 -1.89 13.92 -22.76
C ALA A 150 -0.99 12.84 -22.18
N MET A 151 -1.16 11.61 -22.68
CA MET A 151 -0.31 10.50 -22.28
C MET A 151 1.15 10.89 -22.50
N LYS A 152 1.50 11.44 -23.68
CA LYS A 152 2.89 11.71 -24.01
C LYS A 152 3.48 12.85 -23.19
N ALA A 153 2.66 13.87 -22.95
CA ALA A 153 3.13 15.03 -22.21
C ALA A 153 3.39 14.64 -20.75
N ASP A 154 2.47 13.88 -20.15
CA ASP A 154 2.62 13.41 -18.78
C ASP A 154 3.86 12.54 -18.69
N ALA A 155 3.91 11.52 -19.56
CA ALA A 155 5.08 10.64 -19.63
C ALA A 155 6.42 11.39 -19.74
N LYS A 156 6.49 12.43 -20.58
CA LYS A 156 7.74 13.19 -20.74
C LYS A 156 8.10 13.93 -19.45
N ALA A 157 7.11 14.56 -18.80
CA ALA A 157 7.31 15.28 -17.56
C ALA A 157 7.76 14.31 -16.46
N PHE A 158 7.11 13.15 -16.38
CA PHE A 158 7.37 12.18 -15.32
C PHE A 158 8.80 11.68 -15.51
N LYS A 159 9.17 11.41 -16.75
CA LYS A 159 10.50 10.88 -17.01
C LYS A 159 11.55 11.92 -16.62
N THR A 160 11.28 13.20 -16.96
CA THR A 160 12.20 14.28 -16.65
C THR A 160 12.41 14.33 -15.13
N LEU A 161 11.30 14.21 -14.39
CA LEU A 161 11.36 14.18 -12.93
C LEU A 161 12.26 13.03 -12.49
N VAL A 162 12.05 11.85 -13.06
CA VAL A 162 12.80 10.71 -12.53
C VAL A 162 14.27 10.83 -12.92
N GLU A 163 14.54 11.27 -14.17
CA GLU A 163 15.90 11.56 -14.61
C GLU A 163 16.60 12.46 -13.61
N HIS A 164 15.89 13.50 -13.14
CA HIS A 164 16.46 14.43 -12.18
C HIS A 164 16.78 13.70 -10.88
N ILE A 165 15.85 12.85 -10.43
CA ILE A 165 16.03 12.14 -9.16
C ILE A 165 17.28 11.26 -9.24
N LYS A 166 17.47 10.57 -10.36
CA LYS A 166 18.69 9.78 -10.58
C LYS A 166 19.92 10.67 -10.46
N LYS A 167 19.85 11.83 -11.13
CA LYS A 167 20.97 12.77 -11.18
C LYS A 167 21.31 13.33 -9.80
N VAL A 168 20.37 13.35 -8.82
CA VAL A 168 20.68 13.94 -7.51
C VAL A 168 20.62 12.91 -6.37
N ASP A 169 20.30 11.65 -6.66
CA ASP A 169 19.91 10.72 -5.59
C ASP A 169 20.26 9.26 -5.88
N GLN A 170 20.91 9.01 -7.01
CA GLN A 170 21.23 7.64 -7.41
C GLN A 170 22.14 6.95 -6.40
N ALA A 171 23.00 7.71 -5.70
CA ALA A 171 23.86 7.11 -4.69
C ALA A 171 23.16 6.99 -3.35
N THR A 172 22.56 8.07 -2.81
CA THR A 172 21.98 8.03 -1.49
C THR A 172 20.72 7.15 -1.47
N GLY A 173 19.87 7.26 -2.50
CA GLY A 173 18.59 6.56 -2.55
C GLY A 173 17.61 6.99 -1.46
N THR A 174 17.45 8.31 -1.31
CA THR A 174 16.45 8.91 -0.44
C THR A 174 15.07 8.53 -0.97
N VAL A 175 14.87 8.62 -2.30
CA VAL A 175 13.64 8.22 -2.98
C VAL A 175 13.64 6.71 -3.22
N ILE A 176 12.67 5.99 -2.62
CA ILE A 176 12.64 4.52 -2.65
C ILE A 176 11.42 3.96 -3.38
N ALA A 177 10.47 4.81 -3.81
CA ALA A 177 9.34 4.40 -4.62
C ALA A 177 8.64 5.59 -5.26
N LEU A 178 7.77 5.25 -6.22
CA LEU A 178 7.06 6.18 -7.05
C LEU A 178 5.60 5.77 -7.16
N GLN A 179 4.74 6.77 -7.07
CA GLN A 179 3.32 6.56 -7.31
C GLN A 179 2.89 7.44 -8.48
N PRO A 180 2.82 6.90 -9.71
CA PRO A 180 2.29 7.68 -10.83
C PRO A 180 0.78 7.93 -10.78
N GLU A 181 0.38 9.20 -10.81
CA GLU A 181 -1.02 9.58 -10.68
C GLU A 181 -1.53 9.25 -9.28
N ASN A 182 -2.81 9.52 -9.06
CA ASN A 182 -3.40 9.36 -7.73
C ASN A 182 -4.91 9.11 -7.87
N GLU A 183 -5.31 7.87 -7.54
CA GLU A 183 -6.70 7.43 -7.55
C GLU A 183 -7.39 7.80 -8.85
N VAL A 184 -6.98 7.17 -9.94
CA VAL A 184 -7.53 7.56 -11.23
C VAL A 184 -8.92 6.97 -11.44
N GLY A 185 -9.61 7.50 -12.48
CA GLY A 185 -10.89 7.03 -12.97
C GLY A 185 -11.92 8.14 -13.14
N ILE A 186 -13.11 7.77 -13.66
CA ILE A 186 -14.22 8.68 -13.90
C ILE A 186 -15.43 8.32 -13.05
N PHE A 187 -16.17 9.33 -12.58
CA PHE A 187 -17.45 9.14 -11.92
C PHE A 187 -18.57 8.95 -12.95
N GLN A 188 -18.40 7.97 -13.84
CA GLN A 188 -19.30 7.78 -14.96
C GLN A 188 -19.22 6.31 -15.38
N GLY A 189 -20.25 5.82 -16.09
CA GLY A 189 -20.26 4.47 -16.62
C GLY A 189 -19.19 4.27 -17.69
N MET A 190 -18.88 5.37 -18.39
CA MET A 190 -17.84 5.39 -19.40
C MET A 190 -17.67 6.85 -19.83
N ASP A 191 -16.51 7.11 -20.46
CA ASP A 191 -16.23 8.34 -21.17
C ASP A 191 -17.02 8.35 -22.49
N TYR A 192 -17.76 9.44 -22.70
CA TYR A 192 -18.55 9.73 -23.89
C TYR A 192 -17.81 10.59 -24.92
N SER A 193 -16.49 10.76 -24.75
CA SER A 193 -15.68 11.39 -25.80
C SER A 193 -15.74 10.51 -27.06
N LYS A 194 -15.63 11.14 -28.24
CA LYS A 194 -15.68 10.38 -29.49
C LYS A 194 -14.59 9.30 -29.46
N ALA A 195 -13.37 9.65 -29.05
CA ALA A 195 -12.34 8.64 -28.95
C ALA A 195 -12.78 7.49 -28.02
N SER A 196 -13.45 7.79 -26.89
CA SER A 196 -13.85 6.73 -25.97
C SER A 196 -14.87 5.82 -26.66
N LEU A 197 -15.90 6.43 -27.28
CA LEU A 197 -16.95 5.70 -27.98
C LEU A 197 -16.37 4.82 -29.10
N ALA A 198 -15.37 5.29 -29.84
CA ALA A 198 -14.70 4.48 -30.85
C ALA A 198 -13.90 3.32 -30.22
N ALA A 199 -13.26 3.55 -29.05
CA ALA A 199 -12.45 2.50 -28.42
C ALA A 199 -13.31 1.31 -27.94
N TYR A 200 -14.57 1.60 -27.57
CA TYR A 200 -15.47 0.59 -27.03
C TYR A 200 -15.84 -0.44 -28.11
N GLU A 201 -15.71 -0.05 -29.39
CA GLU A 201 -16.07 -0.90 -30.53
C GLU A 201 -14.90 -1.79 -30.98
N GLN A 202 -13.69 -1.54 -30.46
CA GLN A 202 -12.49 -2.21 -30.91
C GLN A 202 -12.42 -3.63 -30.38
N GLU A 203 -11.50 -4.40 -30.98
CA GLU A 203 -11.23 -5.76 -30.55
C GLU A 203 -10.62 -5.71 -29.16
N VAL A 204 -10.99 -6.67 -28.30
CA VAL A 204 -10.34 -6.85 -27.01
C VAL A 204 -8.86 -7.16 -27.22
N PRO A 205 -7.93 -6.41 -26.60
CA PRO A 205 -6.50 -6.69 -26.76
C PRO A 205 -6.17 -8.13 -26.43
N GLN A 206 -5.30 -8.72 -27.24
CA GLN A 206 -4.94 -10.14 -27.05
C GLN A 206 -4.27 -10.28 -25.68
N ALA A 207 -3.44 -9.29 -25.33
CA ALA A 207 -2.74 -9.39 -24.05
C ALA A 207 -3.71 -9.67 -22.90
N LEU A 208 -4.94 -9.13 -22.98
CA LEU A 208 -5.95 -9.35 -21.95
C LEU A 208 -6.44 -10.78 -22.07
N ILE A 209 -6.82 -11.19 -23.29
CA ILE A 209 -7.38 -12.51 -23.54
C ILE A 209 -6.45 -13.58 -22.99
N GLN A 210 -5.18 -13.49 -23.39
CA GLN A 210 -4.18 -14.50 -22.99
C GLN A 210 -3.95 -14.49 -21.48
N TYR A 211 -3.96 -13.31 -20.88
CA TYR A 211 -3.81 -13.25 -19.44
C TYR A 211 -4.96 -14.05 -18.85
N MET A 212 -6.17 -13.86 -19.39
CA MET A 212 -7.33 -14.50 -18.77
C MET A 212 -7.23 -16.03 -18.93
N LYS A 213 -6.75 -16.49 -20.09
CA LYS A 213 -6.62 -17.91 -20.37
C LYS A 213 -5.62 -18.54 -19.41
N LYS A 214 -4.44 -17.94 -19.35
CA LYS A 214 -3.35 -18.46 -18.54
C LYS A 214 -3.69 -18.48 -17.05
N ASN A 215 -4.40 -17.46 -16.57
CA ASN A 215 -4.61 -17.33 -15.09
C ASN A 215 -6.09 -17.53 -14.72
N ARG A 216 -6.85 -18.26 -15.52
CA ARG A 216 -8.32 -18.41 -15.31
C ARG A 216 -8.71 -18.74 -13.87
N LYS A 217 -8.17 -19.80 -13.30
CA LYS A 217 -8.64 -20.25 -11.95
C LYS A 217 -8.20 -19.31 -10.82
N ASN A 218 -7.47 -18.23 -11.13
CA ASN A 218 -6.99 -17.30 -10.09
C ASN A 218 -7.55 -15.92 -10.40
N LEU A 219 -8.43 -15.86 -11.38
CA LEU A 219 -9.00 -14.56 -11.80
C LEU A 219 -10.00 -14.05 -10.77
N ARG A 220 -10.21 -12.75 -10.79
CA ARG A 220 -11.25 -12.16 -9.94
C ARG A 220 -12.59 -12.72 -10.42
N LYS A 221 -13.38 -13.23 -9.49
CA LYS A 221 -14.73 -13.68 -9.83
C LYS A 221 -15.50 -12.59 -10.58
N GLU A 222 -15.24 -11.30 -10.30
CA GLU A 222 -16.01 -10.24 -10.94
C GLU A 222 -15.72 -10.22 -12.45
N LEU A 223 -14.49 -10.59 -12.82
CA LEU A 223 -14.09 -10.62 -14.21
C LEU A 223 -14.46 -11.98 -14.83
N LEU A 224 -14.10 -13.04 -14.13
CA LEU A 224 -14.35 -14.37 -14.67
C LEU A 224 -15.85 -14.58 -14.93
N SER A 225 -16.70 -14.25 -13.95
CA SER A 225 -18.12 -14.50 -14.08
C SER A 225 -18.71 -13.73 -15.28
N VAL A 226 -18.17 -12.54 -15.59
CA VAL A 226 -18.70 -11.79 -16.72
C VAL A 226 -18.21 -12.40 -18.03
N TRP A 227 -16.91 -12.74 -18.06
CA TRP A 227 -16.33 -13.41 -19.22
C TRP A 227 -17.13 -14.67 -19.53
N GLU A 228 -17.28 -15.53 -18.52
CA GLU A 228 -17.92 -16.85 -18.77
C GLU A 228 -19.42 -16.73 -19.13
N GLU A 229 -20.13 -15.72 -18.61
CA GLU A 229 -21.56 -15.54 -18.97
C GLU A 229 -21.70 -15.09 -20.43
N ASN A 230 -20.62 -14.62 -21.03
CA ASN A 230 -20.66 -14.23 -22.47
C ASN A 230 -20.01 -15.32 -23.31
N GLY A 231 -19.68 -16.46 -22.70
CA GLY A 231 -19.23 -17.61 -23.47
C GLY A 231 -17.71 -17.76 -23.49
N ALA A 232 -17.00 -16.97 -22.67
CA ALA A 232 -15.52 -17.07 -22.54
C ALA A 232 -14.86 -17.07 -23.91
N ARG A 233 -15.17 -16.06 -24.72
CA ARG A 233 -14.61 -15.99 -26.10
C ARG A 233 -13.13 -15.58 -26.07
N THR A 234 -12.40 -15.87 -27.13
CA THR A 234 -10.96 -15.57 -27.20
C THR A 234 -10.73 -14.51 -28.24
N SER A 235 -11.80 -14.02 -28.85
CA SER A 235 -11.72 -12.90 -29.78
C SER A 235 -13.07 -12.19 -29.83
N GLY A 236 -13.07 -10.99 -30.41
CA GLY A 236 -14.26 -10.16 -30.52
C GLY A 236 -14.03 -8.78 -29.94
N ALA A 237 -15.03 -7.91 -30.16
CA ALA A 237 -15.04 -6.59 -29.58
C ALA A 237 -15.46 -6.65 -28.10
N TRP A 238 -15.28 -5.53 -27.38
CA TRP A 238 -15.54 -5.52 -25.95
C TRP A 238 -16.95 -6.02 -25.66
N LYS A 239 -17.95 -5.57 -26.44
CA LYS A 239 -19.34 -5.92 -26.19
C LYS A 239 -19.62 -7.39 -26.52
N THR A 240 -18.78 -7.99 -27.37
CA THR A 240 -18.86 -9.41 -27.71
C THR A 240 -18.33 -10.26 -26.56
N VAL A 241 -17.08 -10.01 -26.17
CA VAL A 241 -16.41 -10.82 -25.15
C VAL A 241 -17.04 -10.63 -23.76
N PHE A 242 -17.59 -9.44 -23.47
CA PHE A 242 -18.02 -9.16 -22.10
C PHE A 242 -19.47 -8.71 -22.01
N GLY A 243 -20.20 -8.72 -23.13
CA GLY A 243 -21.61 -8.32 -23.16
C GLY A 243 -21.75 -6.80 -23.17
N ASP A 244 -22.97 -6.31 -23.39
CA ASP A 244 -23.25 -4.87 -23.47
C ASP A 244 -23.88 -4.44 -22.15
N ASN A 245 -23.05 -3.89 -21.26
CA ASN A 245 -23.45 -3.66 -19.89
C ASN A 245 -22.40 -2.80 -19.20
N ALA A 246 -22.66 -2.51 -17.92
CA ALA A 246 -21.79 -1.67 -17.10
C ALA A 246 -20.39 -2.28 -16.94
N TRP A 247 -20.28 -3.63 -16.92
CA TRP A 247 -19.00 -4.28 -16.66
C TRP A 247 -18.04 -4.16 -17.85
N SER A 248 -18.58 -4.38 -19.06
CA SER A 248 -17.84 -4.20 -20.29
C SER A 248 -17.30 -2.78 -20.38
N LYS A 249 -18.17 -1.81 -20.07
CA LYS A 249 -17.77 -0.42 -19.99
C LYS A 249 -16.62 -0.24 -18.99
N SER A 250 -16.74 -0.83 -17.78
CA SER A 250 -15.70 -0.63 -16.78
C SER A 250 -14.40 -1.29 -17.26
N PHE A 251 -14.52 -2.48 -17.89
CA PHE A 251 -13.30 -3.18 -18.26
C PHE A 251 -12.45 -2.45 -19.29
N TYR A 252 -13.08 -1.88 -20.33
CA TYR A 252 -12.28 -1.29 -21.39
C TYR A 252 -11.79 0.08 -20.88
N THR A 253 -12.57 0.74 -20.00
CA THR A 253 -12.13 1.99 -19.39
C THR A 253 -10.87 1.73 -18.55
N THR A 254 -10.89 0.65 -17.75
CA THR A 254 -9.77 0.26 -16.90
C THR A 254 -8.55 -0.09 -17.77
N TRP A 255 -8.77 -0.82 -18.86
CA TRP A 255 -7.69 -1.18 -19.75
C TRP A 255 -6.98 0.08 -20.25
N GLN A 256 -7.78 1.09 -20.58
CA GLN A 256 -7.26 2.34 -21.11
C GLN A 256 -6.37 3.02 -20.06
N TYR A 257 -6.88 3.17 -18.83
CA TYR A 257 -6.13 3.82 -17.75
C TYR A 257 -4.81 3.10 -17.48
N ALA A 258 -4.89 1.76 -17.32
CA ALA A 258 -3.70 0.98 -17.02
C ALA A 258 -2.69 1.16 -18.15
N THR A 259 -3.18 1.12 -19.40
CA THR A 259 -2.28 1.28 -20.54
C THR A 259 -1.63 2.67 -20.55
N TYR A 260 -2.41 3.74 -20.43
CA TYR A 260 -1.85 5.10 -20.38
C TYR A 260 -0.80 5.23 -19.29
N ILE A 261 -1.11 4.70 -18.12
CA ILE A 261 -0.21 4.89 -17.00
C ILE A 261 0.97 3.96 -17.13
N ASP A 262 0.79 2.77 -17.73
CA ASP A 262 1.95 1.91 -17.96
C ASP A 262 3.01 2.60 -18.83
N PHE A 263 2.59 3.27 -19.89
CA PHE A 263 3.53 3.99 -20.75
C PHE A 263 4.30 5.06 -19.96
N ILE A 264 3.58 5.81 -19.13
CA ILE A 264 4.20 6.78 -18.24
C ILE A 264 5.27 6.11 -17.39
N SER A 265 4.93 5.00 -16.76
CA SER A 265 5.90 4.32 -15.92
C SER A 265 7.07 3.79 -16.74
N ALA A 266 6.77 3.21 -17.91
CA ALA A 266 7.80 2.58 -18.76
C ALA A 266 8.97 3.53 -19.03
N GLY A 267 8.66 4.79 -19.33
CA GLY A 267 9.65 5.83 -19.60
C GLY A 267 10.62 6.01 -18.43
N ALA A 268 10.10 5.95 -17.20
CA ALA A 268 10.93 6.08 -16.01
C ALA A 268 11.74 4.81 -15.79
N LYS A 269 11.05 3.66 -15.90
CA LYS A 269 11.67 2.38 -15.65
C LYS A 269 12.91 2.20 -16.53
N GLU A 270 12.89 2.79 -17.74
CA GLU A 270 14.00 2.62 -18.69
C GLU A 270 15.25 3.29 -18.17
N ILE A 271 15.14 4.43 -17.48
CA ILE A 271 16.32 5.18 -17.06
C ILE A 271 16.63 4.99 -15.57
N TYR A 272 15.64 4.66 -14.75
CA TYR A 272 15.92 4.55 -13.31
C TYR A 272 14.76 3.80 -12.65
N PRO A 273 14.78 2.44 -12.69
CA PRO A 273 13.67 1.62 -12.24
C PRO A 273 13.61 1.55 -10.71
N LEU A 274 12.51 2.12 -10.18
CA LEU A 274 12.18 2.08 -8.76
C LEU A 274 10.85 1.35 -8.59
N PRO A 275 10.60 0.76 -7.42
CA PRO A 275 9.27 0.21 -7.10
C PRO A 275 8.17 1.24 -7.33
N THR A 276 7.19 0.84 -8.16
CA THR A 276 6.17 1.75 -8.64
C THR A 276 4.80 1.17 -8.26
N PHE A 277 3.92 2.00 -7.70
CA PHE A 277 2.58 1.58 -7.36
C PHE A 277 1.54 2.60 -7.81
N CYS A 278 0.31 2.12 -8.10
CA CYS A 278 -0.83 3.00 -8.34
C CYS A 278 -1.90 2.71 -7.29
N ASN A 279 -2.57 3.76 -6.80
CA ASN A 279 -3.39 3.65 -5.63
C ASN A 279 -4.84 3.79 -6.08
N CYS A 280 -5.76 3.17 -5.33
CA CYS A 280 -7.18 3.20 -5.76
C CYS A 280 -8.14 3.78 -4.72
N TRP A 281 -9.17 4.47 -5.21
CA TRP A 281 -10.27 4.90 -4.35
C TRP A 281 -11.16 3.66 -4.28
N LEU A 282 -11.30 3.12 -3.09
CA LEU A 282 -11.98 1.81 -2.95
C LEU A 282 -13.47 1.79 -3.28
N VAL A 283 -13.92 0.64 -3.75
CA VAL A 283 -15.35 0.38 -3.80
C VAL A 283 -15.91 0.57 -2.39
N GLN A 284 -16.67 1.65 -2.16
CA GLN A 284 -16.94 2.10 -0.81
C GLN A 284 -17.98 1.23 -0.12
N LYS A 285 -18.98 0.79 -0.86
CA LYS A 285 -19.98 -0.13 -0.34
C LYS A 285 -20.20 -1.24 -1.37
N PRO A 286 -20.57 -2.45 -0.93
CA PRO A 286 -20.52 -3.61 -1.81
C PRO A 286 -21.41 -3.62 -3.07
N ASP A 287 -22.52 -2.86 -3.07
CA ASP A 287 -23.38 -2.81 -4.24
C ASP A 287 -22.92 -1.74 -5.25
N ASP A 288 -21.88 -0.96 -4.91
CA ASP A 288 -21.58 0.22 -5.71
C ASP A 288 -21.12 -0.23 -7.08
N MET A 289 -21.69 0.38 -8.13
CA MET A 289 -21.29 0.08 -9.49
C MET A 289 -20.14 1.01 -9.93
N PRO A 290 -19.32 0.62 -10.92
CA PRO A 290 -18.32 1.51 -11.48
C PRO A 290 -18.87 2.90 -11.75
N GLY A 291 -18.10 3.91 -11.32
CA GLY A 291 -18.51 5.28 -11.46
C GLY A 291 -19.08 5.85 -10.17
N VAL A 292 -19.53 5.02 -9.23
CA VAL A 292 -19.83 5.60 -7.92
C VAL A 292 -18.49 5.82 -7.22
N TYR A 293 -17.55 4.88 -7.42
CA TYR A 293 -16.14 5.13 -7.25
C TYR A 293 -15.53 5.42 -8.63
N PRO A 294 -14.28 5.94 -8.68
CA PRO A 294 -13.59 6.19 -9.94
C PRO A 294 -13.43 4.94 -10.80
N ASN A 295 -14.10 4.98 -11.96
CA ASN A 295 -14.21 3.86 -12.88
C ASN A 295 -12.96 3.90 -13.72
N GLY A 296 -12.12 2.88 -13.58
CA GLY A 296 -10.82 2.83 -14.23
C GLY A 296 -9.67 2.61 -13.25
N GLY A 297 -9.85 3.02 -11.99
CA GLY A 297 -8.85 2.84 -10.95
C GLY A 297 -8.59 1.36 -10.64
N PRO A 298 -7.43 1.04 -10.01
CA PRO A 298 -7.04 -0.34 -9.66
C PRO A 298 -7.70 -0.88 -8.38
N VAL A 299 -9.06 -0.84 -8.34
CA VAL A 299 -9.77 -1.58 -7.33
C VAL A 299 -9.56 -3.09 -7.56
N SER A 300 -9.78 -3.87 -6.51
CA SER A 300 -9.47 -5.30 -6.54
C SER A 300 -10.27 -6.05 -7.60
N ARG A 301 -11.51 -5.62 -7.86
CA ARG A 301 -12.40 -6.18 -8.86
C ARG A 301 -11.72 -6.30 -10.22
N VAL A 302 -10.86 -5.31 -10.58
CA VAL A 302 -10.24 -5.22 -11.90
C VAL A 302 -8.73 -5.42 -11.82
N MET A 303 -8.25 -6.03 -10.72
CA MET A 303 -6.84 -6.28 -10.50
C MET A 303 -6.21 -7.04 -11.69
N ASP A 304 -6.95 -7.97 -12.29
CA ASP A 304 -6.40 -8.77 -13.39
C ASP A 304 -6.17 -7.91 -14.64
N ILE A 305 -7.05 -6.93 -14.85
CA ILE A 305 -6.94 -6.04 -16.01
C ILE A 305 -5.71 -5.17 -15.86
N TRP A 306 -5.48 -4.65 -14.64
CA TRP A 306 -4.32 -3.83 -14.38
C TRP A 306 -3.06 -4.68 -14.51
N LYS A 307 -3.05 -5.94 -14.05
CA LYS A 307 -1.85 -6.74 -14.12
C LYS A 307 -1.50 -7.00 -15.60
N ALA A 308 -2.54 -7.31 -16.37
CA ALA A 308 -2.40 -7.62 -17.80
C ALA A 308 -1.85 -6.45 -18.59
N ALA A 309 -2.36 -5.25 -18.27
CA ALA A 309 -2.11 -4.04 -19.05
C ALA A 309 -0.82 -3.34 -18.61
N ALA A 310 -0.44 -3.45 -17.33
CA ALA A 310 0.55 -2.54 -16.78
C ALA A 310 1.67 -3.26 -16.06
N PRO A 311 2.54 -3.98 -16.81
CA PRO A 311 3.68 -4.66 -16.21
C PRO A 311 4.78 -3.75 -15.63
N HIS A 312 4.77 -2.47 -15.98
CA HIS A 312 5.72 -1.55 -15.38
C HIS A 312 5.17 -0.90 -14.11
N ILE A 313 3.98 -1.35 -13.66
CA ILE A 313 3.44 -1.00 -12.35
C ILE A 313 3.53 -2.24 -11.47
N ASP A 314 4.28 -2.13 -10.38
CA ASP A 314 4.64 -3.26 -9.54
C ASP A 314 3.50 -3.63 -8.58
N VAL A 315 2.78 -2.64 -8.04
CA VAL A 315 1.85 -2.92 -6.97
C VAL A 315 0.62 -2.05 -7.16
N LEU A 316 -0.55 -2.67 -6.90
CA LEU A 316 -1.80 -1.96 -6.81
C LEU A 316 -2.14 -1.78 -5.32
N ALA A 317 -2.31 -0.52 -4.94
CA ALA A 317 -2.27 -0.12 -3.53
C ALA A 317 -3.61 0.46 -3.10
N PRO A 318 -4.26 -0.13 -2.07
CA PRO A 318 -5.53 0.41 -1.58
C PRO A 318 -5.34 1.59 -0.63
N ASP A 319 -6.24 2.56 -0.74
CA ASP A 319 -6.34 3.66 0.19
C ASP A 319 -7.49 3.35 1.13
N ILE A 320 -7.19 3.08 2.40
CA ILE A 320 -8.17 2.49 3.29
C ILE A 320 -8.53 3.46 4.41
N TYR A 321 -9.76 3.95 4.32
CA TYR A 321 -10.36 4.78 5.35
C TYR A 321 -11.54 4.06 6.00
N LEU A 322 -11.89 2.85 5.57
CA LEU A 322 -13.10 2.19 6.06
C LEU A 322 -12.79 1.25 7.21
N SER A 323 -13.81 0.88 7.99
CA SER A 323 -13.58 0.17 9.24
C SER A 323 -13.34 -1.33 9.01
N ASP A 324 -13.73 -1.85 7.85
CA ASP A 324 -13.63 -3.28 7.55
C ASP A 324 -12.22 -3.68 7.07
N PHE A 325 -11.24 -3.36 7.93
CA PHE A 325 -9.82 -3.29 7.58
C PHE A 325 -9.31 -4.66 7.17
N LYS A 326 -9.67 -5.69 7.95
CA LYS A 326 -9.07 -7.00 7.76
C LYS A 326 -9.54 -7.62 6.44
N ASN A 327 -10.83 -7.47 6.13
CA ASN A 327 -11.36 -8.00 4.89
C ASN A 327 -10.74 -7.26 3.71
N ILE A 328 -10.54 -5.93 3.84
CA ILE A 328 -10.06 -5.12 2.71
C ILE A 328 -8.62 -5.53 2.37
N VAL A 329 -7.75 -5.60 3.38
CA VAL A 329 -6.35 -5.91 3.14
C VAL A 329 -6.21 -7.36 2.64
N ALA A 330 -7.07 -8.27 3.10
CA ALA A 330 -7.06 -9.64 2.57
C ALA A 330 -7.47 -9.67 1.09
N ASP A 331 -8.26 -8.69 0.65
CA ASP A 331 -8.81 -8.65 -0.69
C ASP A 331 -7.78 -8.16 -1.70
N TYR A 332 -6.88 -7.24 -1.28
CA TYR A 332 -5.87 -6.64 -2.13
C TYR A 332 -4.58 -7.45 -2.13
N HIS A 333 -4.34 -8.21 -1.09
CA HIS A 333 -3.07 -8.92 -0.95
C HIS A 333 -3.21 -10.25 -1.71
N ARG A 334 -2.40 -10.42 -2.75
CA ARG A 334 -2.39 -11.65 -3.56
C ARG A 334 -0.94 -12.06 -3.79
N ALA A 335 -0.71 -13.27 -4.32
CA ALA A 335 0.65 -13.69 -4.61
C ALA A 335 1.35 -12.72 -5.57
N ASP A 336 0.60 -12.10 -6.49
CA ASP A 336 1.19 -11.17 -7.45
C ASP A 336 1.03 -9.72 -7.04
N ASN A 337 0.70 -9.47 -5.76
CA ASN A 337 0.32 -8.13 -5.33
C ASN A 337 0.53 -8.01 -3.81
N PRO A 338 1.72 -7.57 -3.39
CA PRO A 338 2.03 -7.38 -1.98
C PRO A 338 1.13 -6.28 -1.45
N LEU A 339 0.93 -6.27 -0.13
CA LEU A 339 0.06 -5.27 0.47
C LEU A 339 0.85 -3.99 0.66
N LEU A 340 0.33 -2.85 0.18
CA LEU A 340 1.04 -1.60 0.32
C LEU A 340 -0.03 -0.54 0.48
N ILE A 341 -0.05 0.10 1.64
CA ILE A 341 -1.16 0.98 1.98
C ILE A 341 -0.62 2.38 2.13
N PRO A 342 -0.79 3.24 1.10
CA PRO A 342 -0.15 4.55 1.14
C PRO A 342 -0.99 5.59 1.88
N GLU A 343 -2.27 5.27 2.07
CA GLU A 343 -3.21 6.17 2.71
C GLU A 343 -4.12 5.35 3.64
N ALA A 344 -4.17 5.73 4.91
CA ALA A 344 -4.94 5.02 5.91
C ALA A 344 -5.24 5.92 7.09
N VAL A 345 -5.94 5.38 8.09
CA VAL A 345 -6.25 6.14 9.30
C VAL A 345 -5.07 6.02 10.25
N MET A 346 -4.99 6.96 11.19
CA MET A 346 -3.91 6.92 12.15
C MET A 346 -4.30 6.01 13.32
N LYS A 347 -4.25 4.70 13.07
CA LYS A 347 -4.66 3.69 14.03
C LYS A 347 -3.56 2.64 14.12
N PRO A 348 -2.84 2.52 15.26
CA PRO A 348 -1.71 1.61 15.32
C PRO A 348 -2.08 0.16 15.06
N ALA A 349 -3.30 -0.25 15.46
CA ALA A 349 -3.71 -1.63 15.28
C ALA A 349 -3.60 -2.04 13.81
N ASN A 350 -4.02 -1.11 12.94
CA ASN A 350 -4.00 -1.37 11.51
C ASN A 350 -2.59 -1.69 11.06
N ALA A 351 -1.63 -0.90 11.58
CA ALA A 351 -0.23 -1.10 11.22
C ALA A 351 0.20 -2.51 11.59
N PHE A 352 0.02 -2.89 12.86
CA PHE A 352 0.40 -4.21 13.31
C PHE A 352 -0.27 -5.31 12.49
N TRP A 353 -1.55 -5.13 12.14
CA TRP A 353 -2.26 -6.13 11.35
C TRP A 353 -1.64 -6.25 9.95
N ALA A 354 -1.47 -5.11 9.28
CA ALA A 354 -0.89 -5.12 7.94
C ALA A 354 0.51 -5.77 7.90
N PHE A 355 1.43 -5.38 8.80
CA PHE A 355 2.78 -5.91 8.78
C PHE A 355 2.84 -7.36 9.25
N GLY A 356 2.11 -7.71 10.32
CA GLY A 356 2.20 -9.03 10.92
C GLY A 356 1.41 -10.08 10.15
N GLU A 357 0.13 -9.79 9.88
CA GLU A 357 -0.74 -10.75 9.21
C GLU A 357 -0.38 -10.85 7.72
N HIS A 358 -0.07 -9.73 7.07
CA HIS A 358 0.06 -9.75 5.60
C HIS A 358 1.43 -9.32 5.07
N SER A 359 2.47 -9.22 5.93
CA SER A 359 3.82 -8.91 5.51
C SER A 359 3.87 -7.65 4.64
N ALA A 360 3.07 -6.60 4.97
CA ALA A 360 2.98 -5.42 4.11
C ALA A 360 4.32 -4.70 3.96
N LEU A 361 4.48 -3.99 2.83
CA LEU A 361 5.63 -3.16 2.56
C LEU A 361 5.48 -1.77 3.18
N CYS A 362 4.25 -1.32 3.37
CA CYS A 362 3.99 0.06 3.74
C CYS A 362 2.67 0.20 4.49
N TYR A 363 2.67 1.06 5.52
CA TYR A 363 1.48 1.50 6.22
C TYR A 363 1.66 3.00 6.38
N SER A 364 0.65 3.78 6.03
CA SER A 364 0.81 5.22 5.91
C SER A 364 -0.49 5.97 6.16
N PRO A 365 -0.66 6.55 7.38
CA PRO A 365 -1.78 7.45 7.62
C PRO A 365 -1.68 8.71 6.77
N PHE A 366 -2.84 9.17 6.36
CA PHE A 366 -2.98 10.32 5.50
C PHE A 366 -3.10 11.54 6.41
N GLY A 367 -2.49 12.65 5.98
CA GLY A 367 -2.46 13.90 6.73
C GLY A 367 -1.66 13.75 8.02
N ILE A 368 -0.57 12.97 7.94
CA ILE A 368 0.23 12.56 9.07
C ILE A 368 0.73 13.76 9.87
N GLU A 369 1.03 14.91 9.22
CA GLU A 369 1.56 16.07 9.94
C GLU A 369 0.56 16.57 10.99
N ASP A 370 -0.72 16.21 10.85
CA ASP A 370 -1.77 16.56 11.79
C ASP A 370 -1.64 15.79 13.09
N GLY A 371 -0.98 14.62 13.07
CA GLY A 371 -1.08 13.64 14.13
C GLY A 371 0.12 13.67 15.07
N ALA A 372 0.87 14.77 15.08
CA ALA A 372 2.05 14.87 15.92
C ALA A 372 1.59 14.77 17.37
N ASP A 373 2.39 14.14 18.24
CA ASP A 373 1.96 14.03 19.63
C ASP A 373 0.69 13.14 19.77
N ASN A 374 0.38 12.35 18.72
CA ASN A 374 -0.32 11.10 18.93
C ASN A 374 0.73 10.14 19.51
N PHE A 375 0.90 10.20 20.82
CA PHE A 375 2.00 9.53 21.52
C PHE A 375 1.95 8.03 21.24
N VAL A 376 0.76 7.47 21.37
CA VAL A 376 0.60 6.03 21.24
C VAL A 376 0.99 5.58 19.84
N PHE A 377 0.63 6.36 18.82
CA PHE A 377 0.97 6.01 17.46
C PHE A 377 2.49 6.09 17.31
N ALA A 378 3.09 7.14 17.86
CA ALA A 378 4.54 7.29 17.79
C ALA A 378 5.28 6.11 18.44
N GLN A 379 4.81 5.64 19.60
CA GLN A 379 5.48 4.58 20.33
C GLN A 379 5.28 3.26 19.59
N SER A 380 4.15 3.15 18.87
CA SER A 380 3.85 1.99 18.06
C SER A 380 4.89 1.86 16.95
N TYR A 381 5.12 2.97 16.26
CA TYR A 381 6.12 3.05 15.20
C TYR A 381 7.52 2.81 15.79
N LYS A 382 7.79 3.32 17.00
CA LYS A 382 9.06 2.98 17.63
C LYS A 382 9.24 1.45 17.74
N VAL A 383 8.23 0.76 18.26
CA VAL A 383 8.29 -0.68 18.45
C VAL A 383 8.35 -1.40 17.11
N LEU A 384 7.60 -0.94 16.13
CA LEU A 384 7.72 -1.62 14.84
C LEU A 384 9.14 -1.48 14.29
N ASN A 385 9.74 -0.32 14.48
CA ASN A 385 11.09 -0.06 13.98
C ASN A 385 12.06 -1.06 14.60
N GLU A 386 11.91 -1.30 15.90
CA GLU A 386 12.70 -2.28 16.61
C GLU A 386 12.56 -3.67 16.00
N LEU A 387 11.37 -3.97 15.48
CA LEU A 387 11.05 -5.31 14.97
C LEU A 387 11.30 -5.43 13.46
N ILE A 388 11.68 -4.39 12.73
CA ILE A 388 11.79 -4.54 11.27
C ILE A 388 12.66 -5.76 10.88
N PRO A 389 13.88 -5.97 11.44
CA PRO A 389 14.66 -7.18 11.11
C PRO A 389 13.94 -8.51 11.27
N LEU A 390 13.27 -8.66 12.42
CA LEU A 390 12.51 -9.87 12.71
C LEU A 390 11.27 -10.02 11.82
N ILE A 391 10.54 -8.93 11.58
CA ILE A 391 9.40 -9.01 10.68
C ILE A 391 9.87 -9.41 9.29
N SER A 392 10.92 -8.72 8.80
CA SER A 392 11.49 -8.94 7.48
C SER A 392 11.80 -10.42 7.24
N GLU A 393 12.51 -10.99 8.20
CA GLU A 393 12.94 -12.38 8.19
C GLU A 393 11.79 -13.38 8.12
N HIS A 394 10.59 -12.97 8.56
CA HIS A 394 9.48 -13.90 8.63
C HIS A 394 8.39 -13.54 7.62
N GLN A 395 8.65 -12.59 6.71
CA GLN A 395 7.63 -12.20 5.75
C GLN A 395 7.27 -13.45 4.95
N GLY A 396 5.96 -13.69 4.80
CA GLY A 396 5.45 -14.79 4.02
C GLY A 396 5.49 -16.15 4.73
N SER A 397 5.94 -16.25 5.98
CA SER A 397 5.98 -17.55 6.63
C SER A 397 4.73 -17.76 7.47
N ASP A 398 4.42 -19.02 7.81
CA ASP A 398 3.26 -19.28 8.64
C ASP A 398 3.63 -19.13 10.12
N ARG A 399 4.82 -18.59 10.42
CA ARG A 399 5.24 -18.38 11.80
C ARG A 399 5.08 -16.92 12.23
N MET A 400 4.48 -16.05 11.38
CA MET A 400 4.18 -14.69 11.81
C MET A 400 2.70 -14.43 11.55
N ILE A 401 2.01 -13.87 12.55
CA ILE A 401 0.64 -13.40 12.44
C ILE A 401 0.50 -12.00 13.05
N GLY A 402 -0.55 -11.31 12.63
CA GLY A 402 -0.97 -10.09 13.30
C GLY A 402 -1.99 -10.44 14.38
N VAL A 403 -2.26 -9.42 15.21
CA VAL A 403 -3.29 -9.45 16.21
C VAL A 403 -4.05 -8.14 16.16
N MET A 404 -5.38 -8.21 16.01
CA MET A 404 -6.22 -7.02 16.02
C MET A 404 -7.66 -7.43 16.34
N LYS A 405 -8.15 -7.01 17.51
CA LYS A 405 -9.54 -7.24 17.85
C LYS A 405 -10.44 -6.29 17.07
N MET A 406 -11.51 -6.87 16.51
CA MET A 406 -12.61 -6.13 15.93
C MET A 406 -13.84 -6.26 16.82
N PRO A 407 -14.78 -5.28 16.82
CA PRO A 407 -15.96 -5.36 17.69
C PRO A 407 -16.65 -6.71 17.53
N GLY A 408 -17.00 -7.35 18.64
CA GLY A 408 -17.78 -8.56 18.57
C GLY A 408 -16.90 -9.82 18.58
N GLU A 409 -15.58 -9.67 18.39
CA GLU A 409 -14.67 -10.81 18.52
C GLU A 409 -14.22 -10.90 19.98
N SER A 410 -13.90 -12.10 20.46
CA SER A 410 -13.38 -12.24 21.85
C SER A 410 -12.05 -13.01 21.91
N GLU A 411 -11.83 -13.96 21.00
CA GLU A 411 -10.56 -14.67 20.99
C GLU A 411 -10.15 -15.12 19.60
N ARG A 412 -8.85 -15.44 19.50
CA ARG A 412 -8.29 -16.03 18.27
C ARG A 412 -7.36 -17.18 18.68
N THR A 413 -7.61 -18.37 18.17
CA THR A 413 -6.74 -19.52 18.40
C THR A 413 -5.96 -19.80 17.12
N VAL A 414 -4.66 -20.09 17.24
CA VAL A 414 -3.81 -20.45 16.11
C VAL A 414 -2.87 -21.56 16.52
N THR A 415 -2.46 -22.34 15.51
CA THR A 415 -1.45 -23.35 15.67
C THR A 415 -0.10 -22.81 15.21
N MET A 416 0.91 -22.98 16.08
CA MET A 416 2.28 -22.63 15.73
C MET A 416 3.17 -23.80 16.09
N GLY A 417 3.48 -24.64 15.09
CA GLY A 417 4.21 -25.88 15.32
C GLY A 417 3.56 -26.70 16.43
N ASP A 418 4.36 -26.97 17.48
CA ASP A 418 3.93 -27.82 18.58
C ASP A 418 2.91 -27.17 19.50
N TYR A 419 2.66 -25.86 19.34
CA TYR A 419 1.82 -25.17 20.29
C TYR A 419 0.57 -24.63 19.63
N GLN A 420 -0.47 -24.57 20.48
CA GLN A 420 -1.71 -23.86 20.26
C GLN A 420 -1.66 -22.58 21.08
N LEU A 421 -1.91 -21.45 20.41
CA LEU A 421 -1.96 -20.14 21.04
C LEU A 421 -3.41 -19.67 21.07
N CYS A 422 -3.91 -19.39 22.28
CA CYS A 422 -5.20 -18.77 22.44
C CYS A 422 -4.97 -17.31 22.86
N ILE A 423 -5.33 -16.40 21.97
CA ILE A 423 -5.21 -14.97 22.17
C ILE A 423 -6.55 -14.43 22.66
N LYS A 424 -6.59 -13.90 23.88
CA LYS A 424 -7.79 -13.35 24.45
C LYS A 424 -7.61 -11.86 24.69
N TYR A 425 -8.63 -11.07 24.36
CA TYR A 425 -8.53 -9.63 24.37
C TYR A 425 -8.99 -9.09 25.70
N ASP A 426 -8.24 -8.12 26.25
CA ASP A 426 -8.55 -7.52 27.54
C ASP A 426 -9.15 -6.14 27.39
N ALA A 427 -9.23 -5.64 26.14
CA ALA A 427 -9.85 -4.35 25.93
C ALA A 427 -10.24 -4.26 24.45
N GLU A 428 -11.00 -3.23 24.09
CA GLU A 428 -11.49 -3.18 22.72
C GLU A 428 -10.31 -2.93 21.76
N ASP A 429 -9.44 -2.05 22.20
CA ASP A 429 -8.24 -1.65 21.49
C ASP A 429 -7.09 -2.60 21.88
N ALA A 430 -7.02 -3.75 21.19
CA ALA A 430 -6.07 -4.81 21.51
C ALA A 430 -5.41 -5.25 20.20
N TYR A 431 -4.08 -5.19 20.12
CA TYR A 431 -3.42 -5.39 18.85
C TYR A 431 -1.94 -5.65 19.08
N GLY A 432 -1.35 -6.28 18.06
CA GLY A 432 0.09 -6.56 18.09
C GLY A 432 0.45 -7.52 16.97
N LEU A 433 1.51 -8.29 17.23
CA LEU A 433 1.86 -9.34 16.29
C LEU A 433 2.59 -10.42 17.06
N ILE A 434 2.74 -11.61 16.44
CA ILE A 434 3.35 -12.76 17.08
C ILE A 434 4.24 -13.45 16.05
N ILE A 435 5.49 -13.71 16.46
CA ILE A 435 6.44 -14.39 15.59
C ILE A 435 6.98 -15.61 16.35
N GLN A 436 6.90 -16.78 15.74
CA GLN A 436 7.61 -17.92 16.31
C GLN A 436 9.04 -17.87 15.77
N THR A 437 10.00 -17.68 16.67
CA THR A 437 11.41 -17.53 16.33
C THR A 437 12.17 -18.84 16.54
N GLY A 438 11.59 -19.78 17.28
CA GLY A 438 12.22 -21.08 17.48
C GLY A 438 11.15 -22.11 17.79
N LYS A 439 11.54 -23.40 17.85
CA LYS A 439 10.56 -24.43 18.14
C LYS A 439 9.89 -24.11 19.48
N ASN A 440 10.66 -23.57 20.44
CA ASN A 440 10.10 -23.29 21.76
C ASN A 440 10.30 -21.82 22.16
N GLU A 441 10.21 -20.95 21.15
CA GLU A 441 10.45 -19.54 21.41
C GLU A 441 9.57 -18.69 20.52
N PHE A 442 9.06 -17.59 21.13
CA PHE A 442 8.14 -16.68 20.47
C PHE A 442 8.50 -15.26 20.86
N VAL A 443 8.27 -14.33 19.92
CA VAL A 443 8.28 -12.91 20.21
C VAL A 443 6.84 -12.40 20.03
N VAL A 444 6.32 -11.76 21.10
CA VAL A 444 4.98 -11.23 21.07
C VAL A 444 5.07 -9.72 21.27
N ALA A 445 4.52 -8.96 20.32
CA ALA A 445 4.44 -7.52 20.47
C ALA A 445 2.99 -7.09 20.57
N GLY A 446 2.73 -6.05 21.36
CA GLY A 446 1.42 -5.41 21.38
C GLY A 446 0.94 -4.99 22.77
N ILE A 447 -0.41 -4.87 22.86
CA ILE A 447 -1.09 -4.27 23.99
C ILE A 447 -2.51 -4.84 24.08
N ASN A 448 -2.92 -5.05 25.34
CA ASN A 448 -4.32 -5.27 25.73
C ASN A 448 -4.79 -6.67 25.33
N PHE A 449 -3.87 -7.62 25.30
CA PHE A 449 -4.29 -8.97 25.05
C PHE A 449 -3.39 -9.88 25.87
N LYS A 450 -3.82 -11.15 25.91
CA LYS A 450 -3.16 -12.22 26.63
C LYS A 450 -3.00 -13.39 25.68
N VAL A 451 -1.98 -14.22 25.93
CA VAL A 451 -1.73 -15.42 25.14
C VAL A 451 -1.55 -16.61 26.07
N TYR A 452 -2.38 -17.65 25.86
CA TYR A 452 -2.28 -18.96 26.50
C TYR A 452 -1.62 -19.92 25.55
N PHE A 453 -0.56 -20.59 26.01
CA PHE A 453 0.21 -21.57 25.23
C PHE A 453 -0.14 -22.97 25.73
N THR A 454 -0.61 -23.83 24.82
CA THR A 454 -0.83 -25.24 25.14
C THR A 454 -0.26 -26.10 24.02
N SER A 455 -0.18 -27.41 24.31
CA SER A 455 0.41 -28.41 23.43
C SER A 455 -0.55 -28.78 22.31
N THR A 456 -0.06 -28.77 21.06
CA THR A 456 -0.83 -29.26 19.91
C THR A 456 -1.18 -30.72 20.16
N ASP A 457 -0.14 -31.49 20.50
CA ASP A 457 -0.29 -32.94 20.80
C ASP A 457 -0.90 -33.09 22.19
N LYS A 458 -2.06 -33.74 22.27
CA LYS A 458 -2.78 -33.84 23.56
C LYS A 458 -2.18 -34.92 24.46
N LYS A 459 -1.14 -35.62 24.00
CA LYS A 459 -0.47 -36.58 24.91
C LYS A 459 0.53 -35.78 25.74
N LYS A 460 0.76 -34.53 25.36
CA LYS A 460 1.79 -33.73 26.04
C LYS A 460 1.19 -32.51 26.72
N THR A 461 1.86 -32.03 27.76
CA THR A 461 1.48 -30.79 28.44
C THR A 461 2.47 -29.67 28.06
N GLY A 462 1.94 -28.60 27.45
CA GLY A 462 2.76 -27.45 27.11
C GLY A 462 2.53 -26.27 28.08
N TYR A 463 3.60 -25.54 28.36
CA TYR A 463 3.54 -24.42 29.31
C TYR A 463 4.56 -23.35 28.93
N ILE A 464 4.33 -22.11 29.40
CA ILE A 464 5.35 -21.08 29.38
C ILE A 464 6.50 -21.53 30.28
N LYS A 465 7.73 -21.39 29.78
CA LYS A 465 8.91 -21.63 30.60
C LYS A 465 9.39 -20.34 31.26
N GLN A 466 9.71 -19.35 30.42
CA GLN A 466 10.10 -18.03 30.90
C GLN A 466 9.60 -16.90 29.97
N VAL A 467 9.45 -15.72 30.57
CA VAL A 467 8.98 -14.53 29.86
C VAL A 467 9.90 -13.36 30.17
N TRP A 468 10.38 -12.68 29.13
CA TRP A 468 11.10 -11.43 29.34
C TRP A 468 10.36 -10.33 28.60
N GLU A 469 10.34 -9.15 29.22
CA GLU A 469 9.95 -7.93 28.55
C GLU A 469 11.22 -7.21 28.10
N GLY A 470 11.19 -6.56 26.93
CA GLY A 470 12.32 -5.75 26.52
C GLY A 470 12.10 -5.06 25.16
N GLY A 471 13.21 -4.84 24.48
CA GLY A 471 13.25 -4.10 23.23
C GLY A 471 14.58 -4.35 22.54
N TYR A 472 14.69 -3.84 21.30
CA TYR A 472 15.93 -3.95 20.55
C TYR A 472 16.59 -2.58 20.59
N ASP A 473 17.88 -2.56 20.91
CA ASP A 473 18.64 -1.33 21.04
C ASP A 473 19.00 -0.83 19.64
N THR A 474 19.81 0.25 19.58
CA THR A 474 20.10 0.89 18.29
C THR A 474 21.00 0.03 17.41
N ASP A 475 21.77 -0.89 18.03
CA ASP A 475 22.54 -1.87 17.28
C ASP A 475 21.70 -3.05 16.85
N GLY A 476 20.41 -3.10 17.20
CA GLY A 476 19.60 -4.24 16.82
C GLY A 476 19.71 -5.40 17.81
N GLU A 477 20.32 -5.17 18.98
CA GLU A 477 20.48 -6.20 19.99
C GLU A 477 19.31 -6.20 20.96
N TRP A 478 18.78 -7.38 21.26
CA TRP A 478 17.76 -7.56 22.28
C TRP A 478 18.32 -7.18 23.66
N LYS A 479 17.57 -6.37 24.41
CA LYS A 479 17.86 -6.02 25.80
C LYS A 479 16.57 -6.20 26.60
N ALA A 480 16.60 -7.13 27.56
CA ALA A 480 15.50 -7.36 28.48
C ALA A 480 15.45 -6.24 29.51
N THR A 481 14.25 -5.75 29.80
CA THR A 481 14.07 -4.80 30.88
C THR A 481 13.60 -5.50 32.16
N ARG A 482 12.80 -6.55 32.02
CA ARG A 482 12.45 -7.41 33.17
C ARG A 482 12.31 -8.86 32.70
N LEU A 483 12.56 -9.79 33.62
CA LEU A 483 12.00 -11.13 33.56
C LEU A 483 10.64 -11.05 34.25
N LEU A 484 9.56 -11.19 33.47
CA LEU A 484 8.19 -11.17 33.98
C LEU A 484 7.82 -12.54 34.53
N ASN A 485 7.35 -12.56 35.79
CA ASN A 485 6.90 -13.80 36.42
C ASN A 485 5.92 -13.40 37.55
N GLY A 486 5.49 -14.38 38.35
CA GLY A 486 4.54 -14.11 39.42
C GLY A 486 3.28 -13.41 38.90
N ASP A 487 2.92 -12.31 39.56
CA ASP A 487 1.71 -11.59 39.16
C ASP A 487 1.75 -11.22 37.68
N GLU A 488 2.94 -10.95 37.15
CA GLU A 488 3.06 -10.35 35.84
C GLU A 488 2.77 -11.38 34.74
N THR A 489 2.78 -12.69 35.08
CA THR A 489 2.45 -13.75 34.12
C THR A 489 1.42 -14.74 34.69
N TYR A 490 0.72 -14.36 35.77
CA TYR A 490 -0.07 -15.28 36.59
C TYR A 490 0.69 -16.60 36.80
N HIS A 491 1.97 -16.47 37.20
CA HIS A 491 2.82 -17.59 37.55
C HIS A 491 2.97 -18.52 36.36
N ASN A 492 3.24 -17.90 35.19
CA ASN A 492 3.49 -18.51 33.90
C ASN A 492 2.26 -19.22 33.36
N ALA A 493 1.05 -18.86 33.81
CA ALA A 493 -0.15 -19.42 33.20
C ALA A 493 -0.46 -18.73 31.88
N VAL A 494 0.07 -17.50 31.69
CA VAL A 494 -0.34 -16.67 30.55
C VAL A 494 0.70 -15.60 30.30
N LEU A 495 0.82 -15.18 29.02
CA LEU A 495 1.56 -13.97 28.65
C LEU A 495 0.56 -12.80 28.68
N ILE A 496 0.87 -11.78 29.46
CA ILE A 496 0.09 -10.58 29.48
C ILE A 496 0.85 -9.54 28.69
N ALA A 497 0.29 -9.14 27.54
CA ALA A 497 0.86 -8.09 26.73
C ALA A 497 0.26 -6.78 27.21
N LYS A 498 0.79 -6.31 28.33
CA LYS A 498 0.23 -5.14 28.97
C LYS A 498 0.65 -3.87 28.25
N GLY A 499 1.86 -3.87 27.67
CA GLY A 499 2.39 -2.71 26.96
C GLY A 499 3.50 -2.02 27.73
N ARG A 500 4.21 -1.12 27.05
CA ARG A 500 5.21 -0.27 27.71
C ARG A 500 4.46 0.88 28.39
N ARG A 501 4.86 1.22 29.60
CA ARG A 501 4.13 2.24 30.40
C ARG A 501 4.90 3.54 30.45
N THR A 502 4.19 4.65 30.39
CA THR A 502 4.81 5.97 30.53
C THR A 502 3.92 6.82 31.41
N TRP A 531 -0.01 4.17 27.87
CA TRP A 531 0.38 2.78 27.54
C TRP A 531 0.43 2.53 26.03
N SER A 532 1.46 1.78 25.60
CA SER A 532 1.65 1.55 24.18
C SER A 532 2.23 0.17 24.02
N PRO A 533 2.30 -0.38 22.79
CA PRO A 533 2.74 -1.77 22.61
C PRO A 533 4.09 -2.07 23.23
N GLY A 534 4.23 -3.31 23.77
CA GLY A 534 5.47 -3.82 24.30
C GLY A 534 5.99 -4.96 23.42
N ILE A 535 7.17 -5.44 23.78
CA ILE A 535 7.73 -6.62 23.15
C ILE A 535 8.13 -7.60 24.24
N TYR A 536 7.75 -8.85 24.03
CA TYR A 536 7.88 -9.91 25.01
C TYR A 536 8.50 -11.12 24.34
N ARG A 537 9.56 -11.65 24.93
CA ARG A 537 10.18 -12.89 24.48
C ARG A 537 9.69 -14.01 25.37
N VAL A 538 9.01 -15.01 24.78
CA VAL A 538 8.45 -16.13 25.53
C VAL A 538 9.14 -17.43 25.11
N THR A 539 9.70 -18.14 26.11
CA THR A 539 10.14 -19.51 25.91
C THR A 539 9.07 -20.42 26.49
N THR A 540 8.88 -21.55 25.81
CA THR A 540 7.89 -22.52 26.23
C THR A 540 8.57 -23.87 26.33
N TYR A 541 7.83 -24.86 26.82
CA TYR A 541 8.40 -26.22 26.96
C TYR A 541 7.30 -27.23 27.01
N LEU A 542 7.63 -28.45 26.61
CA LEU A 542 6.67 -29.57 26.64
C LEU A 542 7.19 -30.64 27.59
N ARG A 543 6.33 -31.21 28.42
CA ARG A 543 6.72 -32.33 29.28
C ARG A 543 5.74 -33.50 29.09
C1 GLA B . -8.06 9.95 -1.41
C2 GLA B . -6.83 10.67 -2.02
C3 GLA B . -6.13 11.61 -1.04
C4 GLA B . -7.15 12.49 -0.35
C5 GLA B . -8.19 11.65 0.36
C6 GLA B . -9.21 12.49 1.11
O1 GLA B . -7.64 8.91 -0.61
O2 GLA B . -5.89 9.75 -2.60
O3 GLA B . -5.18 12.40 -1.76
O4 GLA B . -7.80 13.28 -1.33
O5 GLA B . -8.90 10.84 -0.64
O6 GLA B . -8.62 13.19 2.21
#